data_5I6T
#
_entry.id   5I6T
#
_cell.length_a   68.056
_cell.length_b   69.411
_cell.length_c   69.858
_cell.angle_alpha   98.730
_cell.angle_beta   97.580
_cell.angle_gamma   99.270
#
_symmetry.space_group_name_H-M   'P 1'
#
loop_
_entity.id
_entity.type
_entity.pdbx_description
1 polymer "DNA (5'-D(*GP*TP*CP*CP*TP*AP*CP*CP*TP*GP*GP*CP*AP*GP*GP*AP*CP*GP*AP*CP*T)-3')"
2 polymer 'DNA (26-MER)'
3 polymer "DNA (5'-D(*TP*CP*TP*GP*AP*TP*GP*TP*GP*GP*TP*AP*GP*G)-3')"
4 polymer "DNA (5'-D(*AP*CP*AP*GP*TP*CP*GP*TP*GP*GP*TP*AP*TP*C)-3')"
5 polymer "DNA (5'-D(*TP*GP*CP*GP*TP*AP*GP*TP*GP*GP*TP*CP*GP*C)-3')"
6 polymer "DNA (5'-D(*CP*AP*GP*AP*TP*AP*CP*CP*TP*GP*AP*TP*CP*GP*GP*AP*CP*TP*AP*CP*G)-3')"
7 polymer "DNA (5'-D(*GP*AP*GP*CP*GP*AP*CP*CP*TP*GP*TP*AP*CP*GP*GP*AP*CP*AP*TP*CP*A)-3')"
8 polymer "DNA (5'-D(P*TP*AP*GP*AP*C)-3')"
#
loop_
_entity_poly.entity_id
_entity_poly.type
_entity_poly.pdbx_seq_one_letter_code
_entity_poly.pdbx_strand_id
1 'polydeoxyribonucleotide'
;(DG)(DT)(DC)(DC)(DT)(DA)(DC)(DC)(DT)(DG)(DG)(DC)(DA)(DG)(DG)(DA)(DC)(DG)(DA)(DC)
(DT)
;
A
2 'polydeoxyribonucleotide'
;(DA)(DC)(DA)(DC)(DC)(DG)(DA)(DT)(DC)(DA)(DC)(DC)(DT)(DG)(DC)(DC)(DA)(DC)(DC)(DG)
(DT)(DG)(DT)(DC)(DT)(DA)
;
B
3 'polydeoxyribonucleotide' (DT)(DC)(DT)(DG)(DA)(DT)(DG)(DT)(DG)(DG)(DT)(DA)(DG)(DG) C
4 'polydeoxyribonucleotide' (DA)(DC)(DA)(DG)(DT)(DC)(DG)(DT)(DG)(DG)(DT)(DA)(DT)(DC) D
5 'polydeoxyribonucleotide' (DT)(DG)(DC)(DG)(DT)(DA)(DG)(DT)(DG)(DG)(DT)(DC)(DG)(DC) E
6 'polydeoxyribonucleotide'
;(DC)(DA)(DG)(DA)(DT)(DA)(DC)(DC)(DT)(DG)(DA)(DT)(DC)(DG)(DG)(DA)(DC)(DT)(DA)(DC)
(DG)
;
F
7 'polydeoxyribonucleotide'
;(DG)(DA)(DG)(DC)(DG)(DA)(DC)(DC)(DT)(DG)(DT)(DA)(DC)(DG)(DG)(DA)(DC)(DA)(DT)(DC)
(DA)
;
G
8 'polydeoxyribonucleotide' (DT)(DA)(DG)(DA)(DC) H
#
loop_
_chem_comp.id
_chem_comp.type
_chem_comp.name
_chem_comp.formula
DA DNA linking 2'-DEOXYADENOSINE-5'-MONOPHOSPHATE 'C10 H14 N5 O6 P'
DC DNA linking 2'-DEOXYCYTIDINE-5'-MONOPHOSPHATE 'C9 H14 N3 O7 P'
DG DNA linking 2'-DEOXYGUANOSINE-5'-MONOPHOSPHATE 'C10 H14 N5 O7 P'
DT DNA linking THYMIDINE-5'-MONOPHOSPHATE 'C10 H15 N2 O8 P'
#